data_6P7Z
#
_entry.id   6P7Z
#
_cell.length_a   61.140
_cell.length_b   66.179
_cell.length_c   107.330
_cell.angle_alpha   90.000
_cell.angle_beta   90.000
_cell.angle_gamma   90.000
#
_symmetry.space_group_name_H-M   'P 21 21 21'
#
loop_
_entity.id
_entity.type
_entity.pdbx_description
1 polymer 'Histone-lysine N-methyltransferase SMYD3'
2 non-polymer 'ZINC ION'
3 non-polymer 'MAGNESIUM ION'
4 non-polymer S-ADENOSYLMETHIONINE
5 non-polymer 5-cyclopropyl-N-[1-(methylsulfonyl)piperidin-4-yl]-1,2-oxazole-3-carboxamide
6 water water
#
_entity_poly.entity_id   1
_entity_poly.type   'polypeptide(L)'
_entity_poly.pdbx_seq_one_letter_code
;GSFTMEPLKVEKFATANRGNGLRAVTPLRPGELLFRSDPLAYTVCKGSRGVVCDRCLLGKEKLMRCSQCRVAKYCSAKCQ
KKAWPDHKRECKCLKSCKPRYPPDSVRLLGRVVFKLMDGAPSESEKLYSFYDLESNINKLTEDKKEGLRQLVMTFQHFMR
EEIQDASQLPPAFDLFEAFAKVICNSFTICNAEMQEVGVGLYPSISLLNHSCDPNCSIVFNGPHLLLRAVRDIEVGEELT
ICYLDMLMTSEERRKQLRDQYCFECDCFRCQTQDKDADMLTGDEQVWKEVQESLKKIEELKAHWKWEQVLAMCQAIISSN
SERLPDINIYQLKVLDCAMDACINLGLLEEALFYGTRTMEPYRIFFPGSHPVRGVQVMKVGKLQLHQGMFPQAMKNLRLA
FDIMRVTHGREHSLIEDLILLLEECDANIRAS
;
_entity_poly.pdbx_strand_id   A
#
# COMPACT_ATOMS: atom_id res chain seq x y z
N PRO A 7 -3.09 -24.55 13.16
CA PRO A 7 -1.81 -24.17 13.77
C PRO A 7 -1.10 -23.12 12.93
N LEU A 8 -0.29 -22.29 13.57
CA LEU A 8 0.41 -21.23 12.85
C LEU A 8 1.60 -21.79 12.10
N LYS A 9 1.82 -21.26 10.89
CA LYS A 9 2.98 -21.60 10.08
C LYS A 9 4.14 -20.66 10.31
N VAL A 10 3.98 -19.66 11.17
CA VAL A 10 4.96 -18.60 11.41
C VAL A 10 5.12 -18.45 12.91
N GLU A 11 6.27 -17.90 13.32
CA GLU A 11 6.51 -17.64 14.73
C GLU A 11 7.43 -16.44 14.89
N LYS A 12 7.18 -15.68 15.96
CA LYS A 12 8.05 -14.60 16.36
C LYS A 12 9.38 -15.15 16.86
N PHE A 13 10.46 -14.43 16.57
CA PHE A 13 11.76 -14.79 17.13
C PHE A 13 12.62 -13.53 17.23
N ALA A 14 13.69 -13.63 18.02
CA ALA A 14 14.65 -12.55 18.14
C ALA A 14 15.76 -12.76 17.12
N THR A 15 15.88 -11.83 16.17
CA THR A 15 16.96 -11.91 15.20
C THR A 15 18.27 -11.45 15.84
N ALA A 16 19.36 -11.69 15.13
CA ALA A 16 20.68 -11.31 15.64
C ALA A 16 20.92 -9.81 15.54
N ASN A 17 20.40 -9.16 14.49
CA ASN A 17 20.72 -7.73 14.33
C ASN A 17 19.60 -6.90 13.74
N ARG A 18 18.37 -7.40 13.73
CA ARG A 18 17.24 -6.66 13.18
C ARG A 18 16.09 -6.54 14.18
N GLY A 19 16.33 -6.76 15.47
CA GLY A 19 15.24 -6.79 16.42
C GLY A 19 14.45 -8.09 16.35
N ASN A 20 13.15 -8.01 16.63
CA ASN A 20 12.31 -9.17 16.46
C ASN A 20 11.99 -9.37 14.99
N GLY A 21 11.62 -10.61 14.65
CA GLY A 21 11.24 -10.96 13.30
C GLY A 21 10.27 -12.12 13.31
N LEU A 22 9.93 -12.58 12.11
CA LEU A 22 9.05 -13.71 11.92
C LEU A 22 9.79 -14.77 11.12
N ARG A 23 9.64 -16.03 11.51
CA ARG A 23 10.27 -17.13 10.76
C ARG A 23 9.28 -18.27 10.55
N ALA A 24 9.60 -19.10 9.56
CA ALA A 24 8.75 -20.23 9.20
C ALA A 24 8.83 -21.33 10.24
N VAL A 25 7.67 -21.86 10.61
CA VAL A 25 7.57 -23.04 11.47
C VAL A 25 7.60 -24.34 10.66
N THR A 26 7.07 -24.31 9.45
CA THR A 26 7.00 -25.43 8.53
C THR A 26 7.56 -24.96 7.20
N PRO A 27 7.93 -25.88 6.30
CA PRO A 27 8.32 -25.44 4.95
C PRO A 27 7.13 -24.79 4.27
N LEU A 28 7.40 -23.72 3.54
CA LEU A 28 6.35 -22.95 2.88
C LEU A 28 6.60 -22.92 1.37
N ARG A 29 5.52 -22.95 0.60
CA ARG A 29 5.59 -22.91 -0.84
C ARG A 29 5.01 -21.60 -1.36
N PRO A 30 5.40 -21.16 -2.56
CA PRO A 30 4.82 -19.93 -3.11
C PRO A 30 3.30 -19.98 -3.14
N GLY A 31 2.70 -18.90 -2.68
CA GLY A 31 1.26 -18.76 -2.64
C GLY A 31 0.62 -19.18 -1.35
N GLU A 32 1.34 -19.85 -0.46
CA GLU A 32 0.76 -20.32 0.78
C GLU A 32 0.38 -19.14 1.66
N LEU A 33 -0.84 -19.20 2.22
CA LEU A 33 -1.32 -18.17 3.12
C LEU A 33 -0.68 -18.37 4.49
N LEU A 34 0.00 -17.34 4.97
CA LEU A 34 0.74 -17.44 6.22
C LEU A 34 0.04 -16.78 7.39
N PHE A 35 -0.71 -15.73 7.13
CA PHE A 35 -1.40 -14.99 8.18
C PHE A 35 -2.38 -14.08 7.49
N ARG A 36 -3.48 -13.78 8.17
CA ARG A 36 -4.41 -12.78 7.68
C ARG A 36 -4.88 -11.95 8.87
N SER A 37 -5.16 -10.67 8.61
CA SER A 37 -5.42 -9.78 9.73
C SER A 37 -6.29 -8.61 9.28
N ASP A 38 -7.27 -8.27 10.11
CA ASP A 38 -7.86 -6.94 10.07
C ASP A 38 -6.93 -5.99 10.80
N PRO A 39 -7.09 -4.68 10.61
CA PRO A 39 -6.22 -3.73 11.32
C PRO A 39 -6.58 -3.66 12.80
N LEU A 40 -5.57 -3.36 13.62
CA LEU A 40 -5.87 -2.84 14.95
C LEU A 40 -6.65 -1.55 14.84
N ALA A 41 -6.23 -0.67 13.93
CA ALA A 41 -6.87 0.60 13.67
C ALA A 41 -6.50 1.02 12.27
N TYR A 42 -7.40 1.72 11.59
CA TYR A 42 -7.11 2.19 10.25
C TYR A 42 -8.00 3.38 9.94
N THR A 43 -7.55 4.17 8.96
CA THR A 43 -8.38 5.26 8.47
C THR A 43 -8.11 5.46 6.99
N VAL A 44 -9.03 6.18 6.34
CA VAL A 44 -8.84 6.58 4.95
CA VAL A 44 -8.83 6.57 4.95
C VAL A 44 -7.72 7.61 4.87
N CYS A 45 -6.98 7.61 3.77
CA CYS A 45 -5.88 8.54 3.58
CA CYS A 45 -5.89 8.56 3.67
C CYS A 45 -6.40 9.90 3.14
N LYS A 46 -5.54 10.92 3.31
CA LYS A 46 -5.89 12.30 3.01
C LYS A 46 -6.55 12.44 1.63
N GLY A 47 -5.90 11.90 0.60
CA GLY A 47 -6.40 12.12 -0.76
C GLY A 47 -7.69 11.38 -1.07
N SER A 48 -7.93 10.25 -0.40
CA SER A 48 -9.12 9.44 -0.67
C SER A 48 -10.29 9.75 0.25
N ARG A 49 -10.09 10.60 1.26
CA ARG A 49 -11.19 11.00 2.13
C ARG A 49 -12.31 11.59 1.28
N GLY A 50 -13.53 11.10 1.49
CA GLY A 50 -14.65 11.52 0.67
C GLY A 50 -14.71 10.91 -0.71
N VAL A 51 -13.75 10.07 -1.07
CA VAL A 51 -13.75 9.37 -2.35
C VAL A 51 -14.08 7.90 -2.16
N VAL A 52 -13.54 7.26 -1.13
CA VAL A 52 -13.82 5.88 -0.80
C VAL A 52 -14.51 5.82 0.56
N CYS A 53 -15.21 4.71 0.79
CA CYS A 53 -15.91 4.50 2.04
C CYS A 53 -14.91 4.39 3.19
N ASP A 54 -15.16 5.13 4.29
CA ASP A 54 -14.32 5.05 5.48
C ASP A 54 -14.13 3.62 5.96
N ARG A 55 -15.18 2.81 5.85
CA ARG A 55 -15.14 1.46 6.42
CA ARG A 55 -15.16 1.46 6.41
C ARG A 55 -14.52 0.46 5.45
N CYS A 56 -15.14 0.25 4.29
CA CYS A 56 -14.71 -0.80 3.39
C CYS A 56 -13.68 -0.35 2.36
N LEU A 57 -13.40 0.95 2.26
CA LEU A 57 -12.34 1.49 1.40
C LEU A 57 -12.61 1.26 -0.09
N LEU A 58 -13.88 1.13 -0.45
CA LEU A 58 -14.29 1.01 -1.84
C LEU A 58 -14.82 2.35 -2.35
N GLY A 59 -14.56 2.61 -3.63
CA GLY A 59 -15.04 3.83 -4.24
C GLY A 59 -16.51 3.75 -4.63
N LYS A 60 -17.15 4.91 -4.69
CA LYS A 60 -18.55 5.00 -5.11
C LYS A 60 -18.79 6.41 -5.64
N GLU A 61 -19.72 6.51 -6.59
CA GLU A 61 -20.01 7.81 -7.19
C GLU A 61 -20.55 8.79 -6.16
N LYS A 62 -21.34 8.31 -5.20
CA LYS A 62 -21.88 9.14 -4.15
C LYS A 62 -21.73 8.42 -2.82
N LEU A 63 -21.16 9.09 -1.84
CA LEU A 63 -21.03 8.58 -0.49
C LEU A 63 -21.96 9.36 0.43
N MET A 64 -22.36 8.71 1.52
CA MET A 64 -23.19 9.37 2.52
C MET A 64 -22.31 9.74 3.71
N ARG A 65 -22.55 10.91 4.28
CA ARG A 65 -21.69 11.40 5.33
C ARG A 65 -22.34 11.19 6.70
N CYS A 66 -21.50 10.99 7.70
CA CYS A 66 -21.95 11.03 9.09
C CYS A 66 -22.54 12.39 9.37
N SER A 67 -23.77 12.41 9.87
CA SER A 67 -24.41 13.71 10.07
C SER A 67 -23.77 14.51 11.19
N GLN A 68 -23.21 13.84 12.19
CA GLN A 68 -22.67 14.56 13.34
C GLN A 68 -21.37 15.29 12.99
N CYS A 69 -20.42 14.61 12.37
CA CYS A 69 -19.13 15.23 12.06
C CYS A 69 -19.03 15.70 10.62
N ARG A 70 -19.79 15.09 9.71
CA ARG A 70 -19.72 15.37 8.27
C ARG A 70 -18.33 15.16 7.70
N VAL A 71 -17.50 14.38 8.37
CA VAL A 71 -16.16 14.05 7.90
C VAL A 71 -16.08 12.61 7.42
N ALA A 72 -16.54 11.66 8.25
CA ALA A 72 -16.61 10.28 7.84
C ALA A 72 -17.68 10.12 6.75
N LYS A 73 -17.36 9.32 5.73
CA LYS A 73 -18.26 9.11 4.62
C LYS A 73 -18.28 7.63 4.26
N TYR A 74 -19.43 7.14 3.81
CA TYR A 74 -19.66 5.72 3.69
C TYR A 74 -20.38 5.39 2.40
N CYS A 75 -20.20 4.16 1.95
CA CYS A 75 -20.84 3.71 0.73
C CYS A 75 -22.29 3.27 0.93
N SER A 76 -22.72 3.03 2.16
CA SER A 76 -23.96 2.33 2.44
C SER A 76 -24.32 2.54 3.90
N ALA A 77 -25.61 2.39 4.21
CA ALA A 77 -26.05 2.42 5.60
C ALA A 77 -25.38 1.30 6.39
N LYS A 78 -25.16 0.14 5.75
CA LYS A 78 -24.50 -0.97 6.44
C LYS A 78 -23.12 -0.56 6.93
N CYS A 79 -22.30 0.02 6.05
CA CYS A 79 -20.96 0.45 6.44
C CYS A 79 -21.01 1.55 7.49
N GLN A 80 -21.91 2.53 7.33
CA GLN A 80 -21.96 3.62 8.29
C GLN A 80 -22.30 3.09 9.67
N LYS A 81 -23.28 2.18 9.74
CA LYS A 81 -23.67 1.62 11.04
C LYS A 81 -22.59 0.71 11.61
N LYS A 82 -22.01 -0.16 10.78
CA LYS A 82 -20.97 -1.05 11.27
C LYS A 82 -19.75 -0.28 11.76
N ALA A 83 -19.48 0.89 11.15
CA ALA A 83 -18.35 1.71 11.54
C ALA A 83 -18.60 2.53 12.78
N TRP A 84 -19.84 2.63 13.24
CA TRP A 84 -20.14 3.57 14.33
C TRP A 84 -19.36 3.30 15.60
N PRO A 85 -19.31 2.07 16.13
CA PRO A 85 -18.53 1.87 17.38
C PRO A 85 -17.10 2.37 17.30
N ASP A 86 -16.39 2.16 16.20
CA ASP A 86 -15.00 2.61 16.07
C ASP A 86 -14.88 4.06 15.60
N HIS A 87 -15.99 4.70 15.23
CA HIS A 87 -16.02 6.10 14.83
C HIS A 87 -16.58 7.02 15.92
N LYS A 88 -17.29 6.46 16.89
CA LYS A 88 -18.11 7.27 17.80
C LYS A 88 -17.29 8.33 18.54
N ARG A 89 -16.14 7.95 19.09
CA ARG A 89 -15.37 8.90 19.88
C ARG A 89 -14.61 9.88 19.01
N GLU A 90 -14.05 9.42 17.89
CA GLU A 90 -13.38 10.36 17.00
C GLU A 90 -14.37 11.33 16.37
N CYS A 91 -15.64 10.91 16.25
CA CYS A 91 -16.65 11.77 15.66
C CYS A 91 -16.78 13.06 16.45
N LYS A 92 -16.86 12.96 17.77
CA LYS A 92 -16.95 14.14 18.61
C LYS A 92 -15.72 15.03 18.48
N CYS A 93 -14.55 14.43 18.24
CA CYS A 93 -13.33 15.22 18.08
C CYS A 93 -13.29 15.89 16.71
N LEU A 94 -13.66 15.17 15.66
CA LEU A 94 -13.64 15.73 14.31
C LEU A 94 -14.63 16.88 14.18
N LYS A 95 -15.80 16.74 14.82
CA LYS A 95 -16.78 17.83 14.81
C LYS A 95 -16.23 19.06 15.50
N SER A 96 -15.55 18.89 16.63
CA SER A 96 -14.98 20.01 17.36
C SER A 96 -13.81 20.65 16.61
N CYS A 97 -13.26 19.96 15.61
CA CYS A 97 -12.12 20.48 14.87
C CYS A 97 -12.56 21.37 13.71
N PRO A 99 -12.91 23.59 10.87
CA PRO A 99 -12.72 22.96 9.56
C PRO A 99 -11.32 22.36 9.43
N ARG A 100 -10.65 22.18 10.56
CA ARG A 100 -9.30 21.64 10.58
C ARG A 100 -9.36 20.11 10.61
N TYR A 101 -8.63 19.48 9.70
CA TYR A 101 -8.54 18.04 9.63
C TYR A 101 -7.15 17.59 10.04
N PRO A 102 -7.01 16.58 10.91
CA PRO A 102 -5.70 16.24 11.45
C PRO A 102 -4.87 15.47 10.42
N PRO A 103 -3.56 15.40 10.62
CA PRO A 103 -2.75 14.47 9.81
C PRO A 103 -3.27 13.05 9.96
N ASP A 104 -3.08 12.25 8.91
CA ASP A 104 -3.55 10.86 8.93
C ASP A 104 -3.02 10.12 10.15
N SER A 105 -1.75 10.33 10.50
CA SER A 105 -1.18 9.62 11.63
C SER A 105 -1.88 9.97 12.94
N VAL A 106 -2.39 11.20 13.06
CA VAL A 106 -3.08 11.61 14.28
C VAL A 106 -4.46 10.96 14.35
N ARG A 107 -5.18 10.95 13.24
CA ARG A 107 -6.47 10.25 13.22
C ARG A 107 -6.26 8.77 13.49
N LEU A 108 -5.22 8.19 12.90
CA LEU A 108 -4.90 6.78 13.12
C LEU A 108 -4.63 6.51 14.60
N LEU A 109 -3.77 7.32 15.24
CA LEU A 109 -3.46 7.08 16.64
C LEU A 109 -4.69 7.26 17.54
N GLY A 110 -5.57 8.20 17.20
CA GLY A 110 -6.81 8.30 17.96
C GLY A 110 -7.56 6.98 17.96
N ARG A 111 -7.66 6.35 16.79
CA ARG A 111 -8.35 5.08 16.68
C ARG A 111 -7.61 3.97 17.41
N VAL A 112 -6.27 4.01 17.44
CA VAL A 112 -5.52 3.07 18.27
C VAL A 112 -5.94 3.20 19.73
N VAL A 113 -5.93 4.43 20.24
CA VAL A 113 -6.25 4.65 21.64
C VAL A 113 -7.66 4.18 21.95
N PHE A 114 -8.62 4.56 21.11
CA PHE A 114 -10.01 4.17 21.37
C PHE A 114 -10.16 2.65 21.33
N LYS A 115 -9.49 1.99 20.38
CA LYS A 115 -9.57 0.54 20.30
C LYS A 115 -8.97 -0.12 21.54
N LEU A 116 -7.80 0.37 21.99
CA LEU A 116 -7.15 -0.22 23.16
C LEU A 116 -7.93 0.05 24.44
N MET A 117 -8.61 1.20 24.53
CA MET A 117 -9.33 1.53 25.76
C MET A 117 -10.70 0.86 25.81
N ASP A 118 -11.40 0.76 24.68
CA ASP A 118 -12.80 0.37 24.68
C ASP A 118 -13.07 -0.97 24.03
N GLY A 119 -12.15 -1.48 23.23
CA GLY A 119 -12.37 -2.72 22.50
C GLY A 119 -11.79 -3.93 23.22
N ALA A 120 -12.38 -5.08 22.94
CA ALA A 120 -11.82 -6.35 23.38
C ALA A 120 -10.42 -6.52 22.77
N PRO A 121 -9.61 -7.40 23.36
CA PRO A 121 -8.28 -7.68 22.78
C PRO A 121 -8.39 -8.05 21.31
N SER A 122 -7.55 -7.41 20.51
CA SER A 122 -7.66 -7.47 19.06
C SER A 122 -6.88 -8.66 18.51
N GLU A 123 -7.53 -9.42 17.61
CA GLU A 123 -6.82 -10.52 16.96
C GLU A 123 -5.61 -10.04 16.18
N SER A 124 -5.62 -8.78 15.74
CA SER A 124 -4.49 -8.21 15.04
C SER A 124 -3.23 -8.22 15.90
N GLU A 125 -3.37 -8.35 17.21
CA GLU A 125 -2.23 -8.32 18.12
C GLU A 125 -1.84 -9.71 18.59
N LYS A 126 -2.27 -10.76 17.90
CA LYS A 126 -2.03 -12.13 18.38
C LYS A 126 -0.55 -12.42 18.56
N LEU A 127 0.29 -12.05 17.60
CA LEU A 127 1.71 -12.37 17.66
C LEU A 127 2.55 -11.27 18.29
N TYR A 128 2.05 -10.04 18.33
CA TYR A 128 2.82 -8.85 18.66
C TYR A 128 1.81 -7.73 18.80
N SER A 129 1.99 -6.89 19.80
CA SER A 129 1.00 -5.87 20.14
C SER A 129 1.54 -4.48 19.83
N PHE A 130 0.63 -3.50 19.81
CA PHE A 130 1.06 -2.11 19.71
C PHE A 130 2.09 -1.78 20.79
N TYR A 131 1.88 -2.29 22.00
CA TYR A 131 2.80 -2.07 23.11
C TYR A 131 4.21 -2.53 22.76
N ASP A 132 4.33 -3.60 21.98
CA ASP A 132 5.60 -4.24 21.64
C ASP A 132 6.32 -3.58 20.47
N LEU A 133 5.65 -2.77 19.68
CA LEU A 133 6.20 -2.33 18.40
C LEU A 133 7.50 -1.56 18.59
N GLU A 134 8.36 -1.67 17.59
CA GLU A 134 9.60 -0.92 17.54
C GLU A 134 9.34 0.57 17.41
N SER A 135 10.00 1.37 18.24
CA SER A 135 9.92 2.82 18.18
C SER A 135 11.16 3.47 17.57
N ASN A 136 12.30 2.79 17.60
CA ASN A 136 13.57 3.36 17.15
C ASN A 136 13.92 4.67 17.83
N ILE A 137 13.43 4.90 19.05
CA ILE A 137 13.62 6.21 19.65
C ILE A 137 15.10 6.56 19.79
N ASN A 138 15.95 5.58 20.13
CA ASN A 138 17.36 5.95 20.30
C ASN A 138 18.09 6.19 18.99
N LYS A 139 17.42 6.02 17.85
CA LYS A 139 18.01 6.35 16.56
C LYS A 139 17.44 7.61 15.95
N LEU A 140 16.44 8.23 16.59
CA LEU A 140 15.82 9.42 16.01
C LEU A 140 16.77 10.60 16.06
N THR A 141 16.90 11.31 14.95
CA THR A 141 17.63 12.55 14.95
C THR A 141 16.77 13.66 15.56
N GLU A 142 17.42 14.77 15.92
CA GLU A 142 16.71 15.86 16.58
C GLU A 142 15.59 16.41 15.73
N ASP A 143 15.80 16.51 14.41
CA ASP A 143 14.73 17.01 13.55
C ASP A 143 13.51 16.09 13.59
N LYS A 144 13.73 14.78 13.62
CA LYS A 144 12.60 13.85 13.72
C LYS A 144 11.90 13.97 15.07
N LYS A 145 12.67 14.16 16.15
CA LYS A 145 12.05 14.31 17.45
C LYS A 145 11.17 15.55 17.50
N GLU A 146 11.64 16.65 16.91
CA GLU A 146 10.82 17.86 16.85
C GLU A 146 9.52 17.61 16.12
N GLY A 147 9.57 16.89 15.00
CA GLY A 147 8.36 16.56 14.28
C GLY A 147 7.41 15.73 15.10
N LEU A 148 7.94 14.76 15.86
CA LEU A 148 7.08 13.96 16.72
C LEU A 148 6.46 14.80 17.83
N ARG A 149 7.22 15.74 18.38
CA ARG A 149 6.66 16.61 19.41
C ARG A 149 5.49 17.42 18.85
N GLN A 150 5.59 17.85 17.60
CA GLN A 150 4.48 18.57 17.00
C GLN A 150 3.28 17.66 16.80
N LEU A 151 3.50 16.40 16.42
CA LEU A 151 2.39 15.46 16.28
C LEU A 151 1.71 15.20 17.63
N VAL A 152 2.50 15.09 18.69
CA VAL A 152 1.93 14.90 20.02
C VAL A 152 0.99 16.06 20.36
N MET A 153 1.46 17.29 20.17
CA MET A 153 0.62 18.45 20.47
C MET A 153 -0.60 18.50 19.54
N THR A 154 -0.45 18.09 18.29
CA THR A 154 -1.59 18.03 17.39
C THR A 154 -2.63 17.02 17.89
N PHE A 155 -2.18 15.85 18.32
CA PHE A 155 -3.08 14.86 18.90
C PHE A 155 -3.79 15.42 20.12
N GLN A 156 -3.03 16.06 21.03
CA GLN A 156 -3.64 16.56 22.25
C GLN A 156 -4.73 17.58 21.94
N HIS A 157 -4.51 18.41 20.92
CA HIS A 157 -5.51 19.38 20.50
C HIS A 157 -6.73 18.69 19.90
N PHE A 158 -6.50 17.78 18.95
CA PHE A 158 -7.63 17.20 18.24
CA PHE A 158 -7.59 17.15 18.22
C PHE A 158 -8.46 16.29 19.13
N MET A 159 -7.85 15.64 20.12
CA MET A 159 -8.54 14.65 20.92
C MET A 159 -9.09 15.20 22.22
N ARG A 160 -8.99 16.52 22.44
CA ARG A 160 -9.30 17.11 23.73
C ARG A 160 -10.73 16.83 24.19
N GLU A 161 -11.68 16.66 23.26
CA GLU A 161 -13.06 16.38 23.66
C GLU A 161 -13.19 15.02 24.32
N GLU A 162 -12.33 14.07 23.95
CA GLU A 162 -12.45 12.69 24.42
C GLU A 162 -11.32 12.24 25.34
N ILE A 163 -10.17 12.89 25.27
CA ILE A 163 -9.01 12.50 26.07
C ILE A 163 -8.47 13.77 26.72
N GLN A 164 -8.63 13.88 28.04
CA GLN A 164 -8.14 15.02 28.79
C GLN A 164 -6.94 14.70 29.67
N ASP A 165 -6.81 13.47 30.14
CA ASP A 165 -5.75 13.10 31.08
C ASP A 165 -5.24 11.72 30.74
N ALA A 166 -4.19 11.30 31.45
CA ALA A 166 -3.60 9.98 31.24
C ALA A 166 -4.55 8.85 31.65
N SER A 167 -5.58 9.16 32.46
CA SER A 167 -6.57 8.15 32.82
C SER A 167 -7.35 7.65 31.61
N GLN A 168 -7.37 8.43 30.53
CA GLN A 168 -8.07 8.06 29.31
C GLN A 168 -7.15 7.42 28.26
N LEU A 169 -5.88 7.23 28.58
CA LEU A 169 -4.94 6.50 27.75
C LEU A 169 -4.60 5.17 28.42
N PRO A 170 -4.10 4.20 27.66
CA PRO A 170 -3.68 2.94 28.27
C PRO A 170 -2.63 3.18 29.35
N PRO A 171 -2.44 2.24 30.27
CA PRO A 171 -1.49 2.47 31.38
C PRO A 171 -0.08 2.74 30.86
N ALA A 172 0.52 3.82 31.38
CA ALA A 172 1.87 4.25 31.01
C ALA A 172 2.03 4.53 29.52
N PHE A 173 0.94 4.80 28.81
CA PHE A 173 1.00 5.16 27.40
C PHE A 173 1.75 6.47 27.24
N ASP A 174 2.69 6.51 26.32
CA ASP A 174 3.44 7.72 26.03
C ASP A 174 3.17 8.12 24.59
N LEU A 175 2.61 9.32 24.39
CA LEU A 175 2.21 9.73 23.04
C LEU A 175 3.40 9.90 22.11
N PHE A 176 4.52 10.42 22.61
CA PHE A 176 5.72 10.54 21.79
C PHE A 176 6.17 9.16 21.29
N GLU A 177 6.27 8.21 22.20
CA GLU A 177 6.63 6.85 21.83
C GLU A 177 5.62 6.26 20.86
N ALA A 178 4.33 6.52 21.09
CA ALA A 178 3.29 5.99 20.21
C ALA A 178 3.44 6.52 18.79
N PHE A 179 3.70 7.82 18.63
CA PHE A 179 3.90 8.34 17.28
C PHE A 179 5.18 7.80 16.65
N ALA A 180 6.24 7.60 17.46
CA ALA A 180 7.44 6.97 16.93
C ALA A 180 7.13 5.59 16.38
N LYS A 181 6.30 4.82 17.08
CA LYS A 181 5.88 3.51 16.58
C LYS A 181 5.06 3.64 15.31
N VAL A 182 4.17 4.63 15.24
CA VAL A 182 3.35 4.81 14.05
C VAL A 182 4.23 5.06 12.83
N ILE A 183 5.31 5.83 12.98
CA ILE A 183 6.16 6.18 11.85
C ILE A 183 6.72 4.94 11.16
N CYS A 184 7.28 4.00 11.93
CA CYS A 184 7.95 2.85 11.36
CA CYS A 184 7.94 2.86 11.31
C CYS A 184 7.09 1.59 11.31
N ASN A 185 5.80 1.70 11.64
CA ASN A 185 4.93 0.53 11.59
C ASN A 185 3.62 0.75 10.84
N SER A 186 3.42 1.90 10.22
CA SER A 186 2.19 2.13 9.47
C SER A 186 2.24 1.39 8.13
N PHE A 187 1.12 0.77 7.78
CA PHE A 187 0.96 0.09 6.49
C PHE A 187 0.07 0.94 5.60
N THR A 188 0.50 1.14 4.36
CA THR A 188 -0.31 1.83 3.36
C THR A 188 -1.26 0.83 2.73
N ILE A 189 -2.56 1.02 2.97
CA ILE A 189 -3.58 0.12 2.47
C ILE A 189 -3.90 0.50 1.02
N CYS A 190 -3.85 -0.48 0.13
CA CYS A 190 -4.08 -0.28 -1.30
C CYS A 190 -5.35 -0.98 -1.72
N ASN A 191 -6.09 -0.37 -2.64
CA ASN A 191 -7.31 -1.00 -3.14
C ASN A 191 -6.97 -2.08 -4.16
N ALA A 192 -8.00 -2.69 -4.74
CA ALA A 192 -7.79 -3.79 -5.67
C ALA A 192 -6.97 -3.36 -6.87
N GLU A 193 -7.10 -2.09 -7.27
CA GLU A 193 -6.38 -1.51 -8.40
C GLU A 193 -5.00 -1.00 -8.00
N MET A 194 -4.58 -1.24 -6.76
CA MET A 194 -3.28 -0.85 -6.24
C MET A 194 -3.15 0.65 -6.00
N GLN A 195 -4.27 1.35 -5.89
CA GLN A 195 -4.26 2.75 -5.50
C GLN A 195 -4.22 2.84 -3.98
N GLU A 196 -3.37 3.71 -3.45
CA GLU A 196 -3.33 3.93 -2.01
CA GLU A 196 -3.32 3.92 -2.01
C GLU A 196 -4.63 4.57 -1.54
N VAL A 197 -5.27 3.95 -0.54
CA VAL A 197 -6.56 4.46 -0.05
C VAL A 197 -6.64 4.63 1.46
N GLY A 198 -5.72 4.03 2.21
CA GLY A 198 -5.83 4.11 3.66
C GLY A 198 -4.50 3.86 4.31
N VAL A 199 -4.50 3.95 5.63
CA VAL A 199 -3.35 3.64 6.46
C VAL A 199 -3.82 2.87 7.67
N GLY A 200 -3.05 1.84 8.06
CA GLY A 200 -3.48 1.04 9.19
C GLY A 200 -2.30 0.46 9.93
N LEU A 201 -2.58 0.01 11.15
CA LEU A 201 -1.63 -0.73 11.97
C LEU A 201 -2.07 -2.17 12.06
N TYR A 202 -1.13 -3.08 11.87
CA TYR A 202 -1.38 -4.52 11.89
C TYR A 202 -0.23 -5.10 12.71
N PRO A 203 -0.34 -5.05 14.03
CA PRO A 203 0.88 -5.28 14.83
C PRO A 203 1.54 -6.64 14.65
N SER A 204 0.78 -7.71 14.46
CA SER A 204 1.38 -9.01 14.20
C SER A 204 2.19 -9.01 12.91
N ILE A 205 1.66 -8.35 11.86
CA ILE A 205 2.35 -8.28 10.58
C ILE A 205 3.59 -7.41 10.70
N SER A 206 3.63 -6.50 11.67
CA SER A 206 4.79 -5.66 11.90
C SER A 206 6.01 -6.45 12.34
N LEU A 207 5.88 -7.74 12.65
CA LEU A 207 7.08 -8.52 12.93
C LEU A 207 7.96 -8.71 11.70
N LEU A 208 7.42 -8.56 10.50
CA LEU A 208 8.19 -8.86 9.29
C LEU A 208 9.27 -7.80 9.06
N ASN A 209 10.51 -8.24 8.97
CA ASN A 209 11.57 -7.35 8.54
C ASN A 209 11.58 -7.18 7.02
N HIS A 210 12.31 -6.18 6.58
CA HIS A 210 12.36 -5.76 5.19
C HIS A 210 13.45 -6.46 4.42
N SER A 211 13.17 -6.75 3.16
CA SER A 211 14.19 -7.09 2.18
C SER A 211 13.85 -6.44 0.86
N CYS A 212 14.88 -6.00 0.12
CA CYS A 212 14.71 -5.50 -1.23
C CYS A 212 14.51 -6.61 -2.25
N ASP A 213 14.55 -7.87 -1.80
CA ASP A 213 14.24 -9.04 -2.62
C ASP A 213 13.62 -10.07 -1.69
N PRO A 214 12.34 -9.90 -1.35
CA PRO A 214 11.73 -10.61 -0.22
C PRO A 214 11.21 -11.99 -0.60
N ASN A 215 10.90 -12.78 0.44
CA ASN A 215 10.32 -14.10 0.22
C ASN A 215 8.82 -14.16 0.52
N CYS A 216 8.24 -13.07 1.03
CA CYS A 216 6.80 -12.98 1.26
C CYS A 216 6.28 -11.67 0.69
N SER A 217 4.95 -11.57 0.64
CA SER A 217 4.28 -10.38 0.14
C SER A 217 2.96 -10.21 0.88
N ILE A 218 2.57 -8.96 1.08
CA ILE A 218 1.25 -8.64 1.60
C ILE A 218 0.38 -8.06 0.49
N VAL A 219 -0.93 -8.30 0.61
CA VAL A 219 -1.93 -7.71 -0.26
CA VAL A 219 -1.93 -7.72 -0.27
C VAL A 219 -3.14 -7.35 0.58
N PHE A 220 -3.83 -6.29 0.18
CA PHE A 220 -5.01 -5.81 0.86
C PHE A 220 -6.26 -6.13 0.06
N ASN A 221 -7.29 -6.57 0.77
CA ASN A 221 -8.64 -6.75 0.22
C ASN A 221 -9.51 -5.90 1.12
N GLY A 222 -9.80 -4.67 0.70
CA GLY A 222 -10.34 -3.71 1.63
C GLY A 222 -9.35 -3.50 2.76
N PRO A 223 -9.81 -3.36 4.00
CA PRO A 223 -8.87 -3.24 5.13
C PRO A 223 -8.19 -4.55 5.51
N HIS A 224 -8.61 -5.66 4.93
CA HIS A 224 -8.09 -6.96 5.34
C HIS A 224 -6.76 -7.25 4.65
N LEU A 225 -5.79 -7.73 5.41
CA LEU A 225 -4.44 -7.98 4.92
C LEU A 225 -4.20 -9.48 4.85
N LEU A 226 -3.67 -9.93 3.71
CA LEU A 226 -3.24 -11.31 3.52
C LEU A 226 -1.73 -11.34 3.36
N LEU A 227 -1.06 -12.20 4.13
CA LEU A 227 0.38 -12.41 4.03
C LEU A 227 0.62 -13.76 3.38
N ARG A 228 1.34 -13.78 2.26
CA ARG A 228 1.59 -15.01 1.53
C ARG A 228 3.08 -15.18 1.24
N ALA A 229 3.53 -16.43 1.23
CA ALA A 229 4.87 -16.72 0.73
C ALA A 229 4.89 -16.49 -0.79
N VAL A 230 6.00 -15.95 -1.29
CA VAL A 230 6.19 -15.80 -2.74
C VAL A 230 7.41 -16.54 -3.24
N ARG A 231 8.10 -17.27 -2.36
CA ARG A 231 9.24 -18.12 -2.68
CA ARG A 231 9.18 -18.16 -2.74
C ARG A 231 9.11 -19.38 -1.82
N ASP A 232 9.87 -20.41 -2.15
CA ASP A 232 10.01 -21.51 -1.22
C ASP A 232 10.74 -21.02 0.02
N ILE A 233 10.30 -21.46 1.19
CA ILE A 233 10.88 -21.03 2.46
C ILE A 233 11.09 -22.25 3.34
N GLU A 234 12.28 -22.36 3.93
CA GLU A 234 12.65 -23.50 4.77
C GLU A 234 12.24 -23.27 6.22
N VAL A 235 12.12 -24.37 6.97
CA VAL A 235 11.90 -24.26 8.41
C VAL A 235 12.98 -23.39 9.04
N GLY A 236 12.55 -22.44 9.87
CA GLY A 236 13.48 -21.56 10.55
C GLY A 236 13.94 -20.36 9.75
N GLU A 237 13.64 -20.30 8.46
CA GLU A 237 14.09 -19.19 7.64
C GLU A 237 13.26 -17.94 7.95
N GLU A 238 13.93 -16.80 8.01
CA GLU A 238 13.24 -15.55 8.30
C GLU A 238 12.33 -15.15 7.14
N LEU A 239 11.14 -14.68 7.47
CA LEU A 239 10.18 -14.16 6.51
C LEU A 239 10.39 -12.67 6.34
N THR A 240 10.44 -12.22 5.09
CA THR A 240 10.64 -10.81 4.79
C THR A 240 9.60 -10.32 3.80
N ILE A 241 9.33 -9.03 3.86
CA ILE A 241 8.56 -8.32 2.85
C ILE A 241 9.38 -7.13 2.40
N CYS A 242 9.05 -6.60 1.23
CA CYS A 242 9.66 -5.35 0.81
C CYS A 242 8.77 -4.20 1.27
N TYR A 243 9.29 -3.35 2.14
CA TYR A 243 8.50 -2.23 2.63
C TYR A 243 8.23 -1.20 1.55
N LEU A 244 8.98 -1.21 0.44
CA LEU A 244 9.05 -0.08 -0.47
C LEU A 244 8.56 -0.43 -1.86
N ASP A 245 8.11 0.61 -2.56
CA ASP A 245 7.88 0.57 -4.00
C ASP A 245 9.11 -0.01 -4.70
N MET A 246 8.87 -0.90 -5.67
CA MET A 246 9.99 -1.51 -6.39
C MET A 246 10.67 -0.53 -7.33
N LEU A 247 9.98 0.51 -7.78
CA LEU A 247 10.53 1.45 -8.75
C LEU A 247 11.28 2.56 -8.02
N MET A 248 12.40 2.17 -7.41
CA MET A 248 13.25 3.02 -6.60
C MET A 248 14.69 2.56 -6.79
N THR A 249 15.61 3.52 -6.88
CA THR A 249 17.02 3.16 -6.91
C THR A 249 17.50 2.83 -5.50
N SER A 250 18.70 2.27 -5.41
CA SER A 250 19.26 1.95 -4.11
C SER A 250 19.49 3.20 -3.26
N GLU A 251 19.80 4.34 -3.89
CA GLU A 251 19.94 5.58 -3.14
C GLU A 251 18.60 6.03 -2.59
N GLU A 252 17.54 5.93 -3.39
CA GLU A 252 16.21 6.27 -2.90
C GLU A 252 15.77 5.34 -1.78
N ARG A 253 16.03 4.05 -1.92
CA ARG A 253 15.73 3.12 -0.83
C ARG A 253 16.53 3.47 0.41
N ARG A 254 17.81 3.81 0.24
CA ARG A 254 18.62 4.14 1.42
C ARG A 254 18.01 5.30 2.17
N LYS A 255 17.59 6.34 1.46
CA LYS A 255 17.02 7.51 2.12
C LYS A 255 15.75 7.17 2.88
N GLN A 256 14.85 6.40 2.26
CA GLN A 256 13.60 6.10 2.94
CA GLN A 256 13.59 6.08 2.92
C GLN A 256 13.80 5.13 4.10
N LEU A 257 14.66 4.13 3.91
CA LEU A 257 14.90 3.19 5.02
C LEU A 257 15.57 3.88 6.20
N ARG A 258 16.45 4.85 5.94
CA ARG A 258 16.99 5.65 7.03
C ARG A 258 15.90 6.54 7.65
N ASP A 259 15.23 7.34 6.81
CA ASP A 259 14.37 8.39 7.35
C ASP A 259 13.16 7.83 8.08
N GLN A 260 12.55 6.79 7.52
CA GLN A 260 11.33 6.26 8.10
C GLN A 260 11.61 5.10 9.04
N TYR A 261 12.59 4.25 8.71
CA TYR A 261 12.78 2.99 9.40
C TYR A 261 14.07 2.89 10.21
N CYS A 262 14.93 3.91 10.15
CA CYS A 262 16.15 3.94 10.94
C CYS A 262 17.01 2.69 10.77
N PHE A 263 17.21 2.23 9.54
CA PHE A 263 18.22 1.19 9.35
C PHE A 263 18.92 1.34 8.01
N GLU A 264 20.08 0.69 7.91
CA GLU A 264 20.92 0.63 6.72
C GLU A 264 20.80 -0.77 6.14
N CYS A 265 20.43 -0.86 4.87
CA CYS A 265 20.15 -2.16 4.26
C CYS A 265 21.42 -2.76 3.70
N ASP A 266 21.70 -4.00 4.11
CA ASP A 266 22.90 -4.74 3.76
CA ASP A 266 22.91 -4.70 3.72
C ASP A 266 22.68 -5.77 2.65
N CYS A 267 21.49 -5.78 2.03
CA CYS A 267 21.15 -6.84 1.08
C CYS A 267 22.02 -6.76 -0.19
N PHE A 268 22.02 -7.87 -0.95
CA PHE A 268 22.84 -7.93 -2.16
C PHE A 268 22.48 -6.81 -3.13
N ARG A 269 21.20 -6.49 -3.25
CA ARG A 269 20.79 -5.47 -4.21
C ARG A 269 21.37 -4.11 -3.82
N CYS A 270 21.35 -3.77 -2.53
CA CYS A 270 21.90 -2.48 -2.11
C CYS A 270 23.41 -2.44 -2.26
N GLN A 271 24.09 -3.56 -1.95
CA GLN A 271 25.54 -3.59 -2.06
CA GLN A 271 25.54 -3.59 -2.06
C GLN A 271 26.00 -3.43 -3.51
N THR A 272 25.19 -3.87 -4.47
CA THR A 272 25.59 -3.84 -5.87
C THR A 272 24.83 -2.83 -6.71
N GLN A 273 23.97 -2.02 -6.10
CA GLN A 273 23.16 -1.07 -6.86
C GLN A 273 22.37 -1.78 -7.96
N ASP A 274 21.85 -2.97 -7.63
CA ASP A 274 21.18 -3.84 -8.59
C ASP A 274 20.03 -3.10 -9.28
N LYS A 275 20.12 -3.01 -10.61
CA LYS A 275 19.14 -2.41 -11.52
C LYS A 275 19.19 -0.89 -11.56
N ASP A 276 19.99 -0.22 -10.71
CA ASP A 276 19.96 1.24 -10.69
C ASP A 276 20.27 1.82 -12.07
N ALA A 277 21.32 1.32 -12.72
CA ALA A 277 21.72 1.92 -13.99
C ALA A 277 20.61 1.81 -15.04
N ASP A 278 19.97 0.65 -15.12
CA ASP A 278 18.88 0.50 -16.07
C ASP A 278 17.72 1.42 -15.72
N MET A 279 17.42 1.57 -14.43
CA MET A 279 16.32 2.42 -13.99
C MET A 279 16.54 3.87 -14.37
N LEU A 280 17.79 4.29 -14.55
CA LEU A 280 18.12 5.68 -14.80
C LEU A 280 18.61 5.91 -16.22
N THR A 281 18.23 5.04 -17.15
CA THR A 281 18.65 5.24 -18.54
C THR A 281 17.93 6.44 -19.15
N GLY A 282 18.52 6.98 -20.20
CA GLY A 282 18.02 8.21 -20.79
C GLY A 282 18.81 9.40 -20.31
N ASP A 283 18.36 10.58 -20.71
CA ASP A 283 19.08 11.81 -20.41
C ASP A 283 18.71 12.35 -19.04
N GLU A 284 19.72 12.61 -18.21
CA GLU A 284 19.47 12.97 -16.82
C GLU A 284 18.66 14.25 -16.70
N GLN A 285 18.94 15.24 -17.55
CA GLN A 285 18.17 16.47 -17.42
C GLN A 285 16.69 16.22 -17.66
N VAL A 286 16.36 15.33 -18.61
CA VAL A 286 14.97 15.00 -18.87
C VAL A 286 14.36 14.25 -17.69
N TRP A 287 15.03 13.22 -17.19
CA TRP A 287 14.39 12.46 -16.12
C TRP A 287 14.35 13.23 -14.80
N LYS A 288 15.28 14.15 -14.58
CA LYS A 288 15.18 15.00 -13.40
C LYS A 288 13.92 15.86 -13.47
N GLU A 289 13.61 16.39 -14.65
CA GLU A 289 12.39 17.17 -14.80
C GLU A 289 11.15 16.31 -14.62
N VAL A 290 11.15 15.09 -15.16
CA VAL A 290 10.00 14.20 -15.01
C VAL A 290 9.82 13.81 -13.56
N GLN A 291 10.91 13.50 -12.86
CA GLN A 291 10.83 13.19 -11.44
C GLN A 291 10.21 14.35 -10.67
N GLU A 292 10.58 15.58 -11.01
CA GLU A 292 9.98 16.74 -10.35
C GLU A 292 8.50 16.83 -10.67
N SER A 293 8.13 16.65 -11.94
CA SER A 293 6.73 16.70 -12.35
C SER A 293 5.90 15.62 -11.65
N LEU A 294 6.51 14.46 -11.38
CA LEU A 294 5.78 13.37 -10.74
C LEU A 294 5.30 13.72 -9.33
N LYS A 295 5.93 14.66 -8.64
CA LYS A 295 5.39 15.11 -7.37
C LYS A 295 3.96 15.60 -7.53
N LYS A 296 3.74 16.45 -8.52
CA LYS A 296 2.41 16.98 -8.79
C LYS A 296 1.50 15.90 -9.37
N ILE A 297 2.02 15.08 -10.29
CA ILE A 297 1.20 14.03 -10.87
C ILE A 297 0.71 13.08 -9.79
N GLU A 298 1.61 12.65 -8.91
CA GLU A 298 1.22 11.71 -7.86
C GLU A 298 0.29 12.35 -6.85
N GLU A 299 0.45 13.65 -6.58
CA GLU A 299 -0.49 14.35 -5.70
C GLU A 299 -1.88 14.37 -6.32
N LEU A 300 -1.96 14.70 -7.61
CA LEU A 300 -3.25 14.68 -8.30
C LEU A 300 -3.86 13.29 -8.28
N LYS A 301 -3.04 12.26 -8.52
CA LYS A 301 -3.57 10.90 -8.53
C LYS A 301 -4.07 10.49 -7.16
N ALA A 302 -3.36 10.87 -6.10
CA ALA A 302 -3.79 10.55 -4.74
C ALA A 302 -5.17 11.14 -4.45
N HIS A 303 -5.53 12.23 -5.10
CA HIS A 303 -6.83 12.85 -4.96
C HIS A 303 -7.80 12.46 -6.08
N TRP A 304 -7.45 11.45 -6.88
CA TRP A 304 -8.36 10.90 -7.89
C TRP A 304 -8.71 11.89 -8.99
N LYS A 305 -7.81 12.84 -9.27
CA LYS A 305 -8.06 13.87 -10.29
C LYS A 305 -7.53 13.41 -11.65
N TRP A 306 -8.28 12.48 -12.25
CA TRP A 306 -7.75 11.74 -13.40
C TRP A 306 -7.53 12.62 -14.62
N GLU A 307 -8.43 13.57 -14.89
CA GLU A 307 -8.25 14.40 -16.08
C GLU A 307 -6.97 15.21 -15.98
N GLN A 308 -6.69 15.78 -14.81
CA GLN A 308 -5.46 16.54 -14.62
C GLN A 308 -4.23 15.64 -14.65
N VAL A 309 -4.33 14.45 -14.06
CA VAL A 309 -3.24 13.48 -14.17
C VAL A 309 -2.92 13.22 -15.62
N LEU A 310 -3.95 12.93 -16.42
CA LEU A 310 -3.71 12.54 -17.80
C LEU A 310 -3.07 13.68 -18.59
N ALA A 311 -3.56 14.91 -18.41
CA ALA A 311 -2.98 16.04 -19.13
C ALA A 311 -1.49 16.17 -18.83
N MET A 312 -1.10 16.07 -17.56
CA MET A 312 0.31 16.19 -17.21
C MET A 312 1.13 15.05 -17.78
N CYS A 313 0.57 13.84 -17.77
CA CYS A 313 1.30 12.67 -18.29
C CYS A 313 1.49 12.76 -19.79
N GLN A 314 0.45 13.18 -20.52
CA GLN A 314 0.57 13.30 -21.98
C GLN A 314 1.62 14.32 -22.36
N ALA A 315 1.76 15.39 -21.56
CA ALA A 315 2.77 16.40 -21.85
C ALA A 315 4.18 15.83 -21.77
N ILE A 316 4.36 14.72 -21.05
CA ILE A 316 5.64 14.03 -20.98
C ILE A 316 5.73 12.92 -22.01
N ILE A 317 4.74 12.02 -22.03
CA ILE A 317 4.80 10.84 -22.90
C ILE A 317 4.89 11.27 -24.36
N SER A 318 4.13 12.28 -24.73
CA SER A 318 4.07 12.79 -26.09
C SER A 318 4.69 14.17 -26.21
N SER A 319 5.71 14.45 -25.41
CA SER A 319 6.37 15.74 -25.40
C SER A 319 6.92 16.07 -26.79
N ASN A 320 6.81 17.35 -27.15
CA ASN A 320 7.59 17.82 -28.30
C ASN A 320 9.08 17.74 -28.00
N SER A 321 9.46 17.95 -26.74
CA SER A 321 10.84 17.94 -26.34
C SER A 321 11.31 16.50 -26.07
N GLU A 322 12.54 16.37 -25.58
CA GLU A 322 13.22 15.08 -25.52
C GLU A 322 12.49 14.10 -24.60
N ARG A 323 12.59 12.82 -24.95
CA ARG A 323 11.83 11.76 -24.32
C ARG A 323 12.74 10.75 -23.65
N LEU A 324 12.14 9.93 -22.81
CA LEU A 324 12.83 8.92 -22.02
C LEU A 324 12.45 7.51 -22.47
N PRO A 325 13.34 6.54 -22.28
CA PRO A 325 12.97 5.14 -22.52
C PRO A 325 11.98 4.67 -21.46
N ASP A 326 11.13 3.73 -21.85
CA ASP A 326 10.08 3.26 -20.95
C ASP A 326 10.62 2.50 -19.74
N ILE A 327 11.86 2.02 -19.81
CA ILE A 327 12.48 1.37 -18.65
C ILE A 327 13.00 2.36 -17.64
N ASN A 328 13.13 3.64 -17.99
CA ASN A 328 13.46 4.63 -16.98
C ASN A 328 12.32 4.70 -15.96
N ILE A 329 12.64 4.64 -14.66
CA ILE A 329 11.57 4.45 -13.69
C ILE A 329 10.63 5.65 -13.61
N TYR A 330 11.13 6.87 -13.87
CA TYR A 330 10.27 8.04 -13.82
C TYR A 330 9.32 8.07 -15.02
N GLN A 331 9.84 7.76 -16.21
CA GLN A 331 8.98 7.56 -17.37
C GLN A 331 7.95 6.46 -17.10
N LEU A 332 8.39 5.35 -16.49
CA LEU A 332 7.50 4.23 -16.23
C LEU A 332 6.37 4.63 -15.28
N LYS A 333 6.69 5.40 -14.24
CA LYS A 333 5.65 5.88 -13.34
C LYS A 333 4.65 6.77 -14.06
N VAL A 334 5.14 7.59 -15.00
CA VAL A 334 4.24 8.44 -15.78
C VAL A 334 3.32 7.59 -16.66
N LEU A 335 3.87 6.56 -17.31
CA LEU A 335 3.04 5.66 -18.11
C LEU A 335 1.98 4.99 -17.26
N ASP A 336 2.37 4.54 -16.06
CA ASP A 336 1.44 3.90 -15.11
CA ASP A 336 1.40 3.88 -15.20
C ASP A 336 0.31 4.83 -14.75
N CYS A 337 0.66 6.06 -14.36
CA CYS A 337 -0.36 7.04 -14.00
C CYS A 337 -1.28 7.34 -15.16
N ALA A 338 -0.71 7.47 -16.37
CA ALA A 338 -1.53 7.74 -17.55
C ALA A 338 -2.47 6.59 -17.85
N MET A 339 -2.00 5.35 -17.72
CA MET A 339 -2.85 4.19 -17.92
C MET A 339 -4.03 4.20 -16.95
N ASP A 340 -3.74 4.35 -15.65
CA ASP A 340 -4.81 4.35 -14.66
C ASP A 340 -5.78 5.51 -14.88
N ALA A 341 -5.28 6.68 -15.26
CA ALA A 341 -6.17 7.80 -15.58
C ALA A 341 -7.07 7.45 -16.74
N CYS A 342 -6.50 6.90 -17.82
CA CYS A 342 -7.29 6.53 -18.99
C CYS A 342 -8.33 5.48 -18.65
N ILE A 343 -7.98 4.49 -17.82
CA ILE A 343 -8.96 3.47 -17.42
C ILE A 343 -10.12 4.15 -16.70
N ASN A 344 -9.81 4.99 -15.71
CA ASN A 344 -10.85 5.65 -14.94
C ASN A 344 -11.66 6.66 -15.76
N LEU A 345 -11.11 7.16 -16.86
CA LEU A 345 -11.83 8.07 -17.73
C LEU A 345 -12.49 7.38 -18.91
N GLY A 346 -12.36 6.06 -19.01
CA GLY A 346 -12.97 5.33 -20.10
C GLY A 346 -12.28 5.48 -21.43
N LEU A 347 -11.01 5.91 -21.45
CA LEU A 347 -10.23 6.04 -22.68
C LEU A 347 -9.42 4.76 -22.85
N LEU A 348 -10.11 3.70 -23.29
CA LEU A 348 -9.57 2.36 -23.16
C LEU A 348 -8.51 2.03 -24.20
N GLU A 349 -8.61 2.61 -25.41
CA GLU A 349 -7.56 2.38 -26.41
C GLU A 349 -6.26 3.05 -25.97
N GLU A 350 -6.35 4.28 -25.49
CA GLU A 350 -5.15 4.97 -25.01
C GLU A 350 -4.59 4.29 -23.77
N ALA A 351 -5.46 3.81 -22.88
CA ALA A 351 -5.02 3.07 -21.70
C ALA A 351 -4.22 1.84 -22.09
N LEU A 352 -4.69 1.11 -23.10
CA LEU A 352 -3.99 -0.09 -23.52
C LEU A 352 -2.61 0.24 -24.10
N PHE A 353 -2.51 1.34 -24.86
CA PHE A 353 -1.21 1.76 -25.38
C PHE A 353 -0.20 1.97 -24.26
N TYR A 354 -0.56 2.75 -23.25
CA TYR A 354 0.35 2.98 -22.13
C TYR A 354 0.60 1.70 -21.36
N GLY A 355 -0.46 0.94 -21.08
CA GLY A 355 -0.31 -0.29 -20.32
C GLY A 355 0.61 -1.30 -20.99
N THR A 356 0.44 -1.51 -22.30
CA THR A 356 1.29 -2.45 -23.00
CA THR A 356 1.30 -2.46 -22.98
C THR A 356 2.76 -2.03 -22.94
N ARG A 357 3.01 -0.71 -22.99
CA ARG A 357 4.38 -0.22 -22.89
C ARG A 357 5.01 -0.54 -21.54
N THR A 358 4.20 -0.62 -20.48
CA THR A 358 4.77 -0.93 -19.17
C THR A 358 5.12 -2.40 -18.99
N MET A 359 4.69 -3.29 -19.88
CA MET A 359 4.75 -4.72 -19.59
C MET A 359 6.19 -5.21 -19.46
N GLU A 360 7.06 -4.88 -20.41
CA GLU A 360 8.44 -5.36 -20.31
C GLU A 360 9.17 -4.74 -19.14
N PRO A 361 9.13 -3.42 -18.92
CA PRO A 361 9.75 -2.89 -17.70
C PRO A 361 9.20 -3.53 -16.42
N TYR A 362 7.90 -3.81 -16.35
CA TYR A 362 7.35 -4.45 -15.15
C TYR A 362 7.89 -5.86 -14.99
N ARG A 363 8.08 -6.58 -16.09
CA ARG A 363 8.66 -7.91 -16.00
C ARG A 363 10.04 -7.85 -15.37
N ILE A 364 10.81 -6.82 -15.71
CA ILE A 364 12.18 -6.67 -15.21
C ILE A 364 12.19 -6.23 -13.75
N PHE A 365 11.37 -5.24 -13.40
CA PHE A 365 11.48 -4.58 -12.10
C PHE A 365 10.65 -5.24 -11.01
N PHE A 366 9.76 -6.17 -11.36
CA PHE A 366 8.96 -6.91 -10.39
C PHE A 366 9.25 -8.40 -10.58
N PRO A 367 10.47 -8.84 -10.29
CA PRO A 367 10.82 -10.24 -10.54
C PRO A 367 10.01 -11.21 -9.68
N GLY A 368 9.88 -12.42 -10.18
CA GLY A 368 9.16 -13.45 -9.43
C GLY A 368 7.67 -13.16 -9.43
N SER A 369 7.05 -13.26 -8.25
CA SER A 369 5.62 -13.03 -8.08
C SER A 369 5.41 -11.80 -7.20
N HIS A 370 4.96 -10.70 -7.80
CA HIS A 370 4.72 -9.46 -7.08
C HIS A 370 3.30 -9.01 -7.39
N PRO A 371 2.49 -8.69 -6.39
CA PRO A 371 1.10 -8.32 -6.67
C PRO A 371 0.94 -7.11 -7.57
N VAL A 372 1.87 -6.16 -7.54
CA VAL A 372 1.74 -4.99 -8.40
C VAL A 372 1.84 -5.39 -9.86
N ARG A 373 2.74 -6.32 -10.19
CA ARG A 373 2.82 -6.78 -11.57
C ARG A 373 1.60 -7.61 -11.93
N GLY A 374 1.15 -8.48 -11.02
CA GLY A 374 -0.03 -9.28 -11.33
C GLY A 374 -1.22 -8.42 -11.69
N VAL A 375 -1.46 -7.37 -10.91
CA VAL A 375 -2.58 -6.45 -11.15
C VAL A 375 -2.39 -5.70 -12.47
N GLN A 376 -1.16 -5.25 -12.75
CA GLN A 376 -0.90 -4.52 -13.99
C GLN A 376 -1.17 -5.40 -15.20
N VAL A 377 -0.68 -6.64 -15.16
CA VAL A 377 -0.91 -7.57 -16.27
C VAL A 377 -2.39 -7.85 -16.44
N MET A 378 -3.12 -8.01 -15.33
CA MET A 378 -4.57 -8.21 -15.38
C MET A 378 -5.26 -7.03 -16.05
N LYS A 379 -4.87 -5.80 -15.69
CA LYS A 379 -5.49 -4.62 -16.31
C LYS A 379 -5.28 -4.64 -17.82
N VAL A 380 -4.08 -4.98 -18.27
CA VAL A 380 -3.79 -5.03 -19.70
C VAL A 380 -4.61 -6.13 -20.37
N GLY A 381 -4.63 -7.33 -19.78
CA GLY A 381 -5.44 -8.40 -20.34
C GLY A 381 -6.90 -8.05 -20.44
N LYS A 382 -7.44 -7.38 -19.41
CA LYS A 382 -8.82 -6.95 -19.44
C LYS A 382 -9.07 -5.95 -20.56
N LEU A 383 -8.16 -4.99 -20.75
CA LEU A 383 -8.31 -4.04 -21.84
C LEU A 383 -8.30 -4.76 -23.17
N GLN A 384 -7.40 -5.75 -23.34
CA GLN A 384 -7.33 -6.50 -24.58
C GLN A 384 -8.59 -7.34 -24.80
N LEU A 385 -9.10 -7.95 -23.74
CA LEU A 385 -10.30 -8.78 -23.87
C LEU A 385 -11.48 -7.95 -24.38
N HIS A 386 -11.67 -6.76 -23.83
CA HIS A 386 -12.82 -5.96 -24.22
C HIS A 386 -12.63 -5.21 -25.53
N GLN A 387 -11.42 -5.20 -26.08
CA GLN A 387 -11.19 -4.74 -27.44
C GLN A 387 -11.13 -5.90 -28.44
N GLY A 388 -11.46 -7.11 -27.99
CA GLY A 388 -11.61 -8.25 -28.88
C GLY A 388 -10.34 -8.99 -29.24
N MET A 389 -9.24 -8.75 -28.52
CA MET A 389 -7.96 -9.39 -28.84
C MET A 389 -7.81 -10.66 -28.01
N PHE A 390 -8.61 -11.66 -28.36
CA PHE A 390 -8.77 -12.82 -27.48
C PHE A 390 -7.49 -13.59 -27.21
N PRO A 391 -6.70 -14.01 -28.20
CA PRO A 391 -5.47 -14.76 -27.88
C PRO A 391 -4.48 -13.95 -27.06
N GLN A 392 -4.33 -12.66 -27.37
CA GLN A 392 -3.40 -11.82 -26.61
CA GLN A 392 -3.40 -11.83 -26.61
C GLN A 392 -3.91 -11.59 -25.19
N ALA A 393 -5.20 -11.32 -25.05
CA ALA A 393 -5.79 -11.17 -23.72
C ALA A 393 -5.63 -12.44 -22.92
N MET A 394 -5.87 -13.60 -23.53
CA MET A 394 -5.78 -14.86 -22.79
C MET A 394 -4.37 -15.07 -22.26
N LYS A 395 -3.35 -14.78 -23.07
CA LYS A 395 -1.97 -14.93 -22.62
C LYS A 395 -1.69 -14.05 -21.40
N ASN A 396 -2.16 -12.80 -21.43
CA ASN A 396 -1.93 -11.90 -20.31
C ASN A 396 -2.80 -12.27 -19.10
N LEU A 397 -4.04 -12.68 -19.33
CA LEU A 397 -4.87 -13.08 -18.19
C LEU A 397 -4.31 -14.33 -17.52
N ARG A 398 -3.78 -15.27 -18.31
CA ARG A 398 -3.14 -16.45 -17.73
C ARG A 398 -1.88 -16.07 -16.97
N LEU A 399 -1.10 -15.13 -17.52
CA LEU A 399 0.09 -14.65 -16.82
C LEU A 399 -0.29 -13.96 -15.52
N ALA A 400 -1.31 -13.10 -15.56
CA ALA A 400 -1.82 -12.49 -14.34
C ALA A 400 -2.24 -13.55 -13.34
N PHE A 401 -2.92 -14.60 -13.80
CA PHE A 401 -3.34 -15.65 -12.87
C PHE A 401 -2.14 -16.39 -12.29
N ASP A 402 -1.11 -16.65 -13.11
CA ASP A 402 0.08 -17.32 -12.60
C ASP A 402 0.71 -16.51 -11.48
N ILE A 403 0.75 -15.18 -11.62
CA ILE A 403 1.29 -14.34 -10.56
C ILE A 403 0.31 -14.27 -9.39
N MET A 404 -0.96 -13.96 -9.67
CA MET A 404 -1.91 -13.62 -8.62
C MET A 404 -2.39 -14.83 -7.83
N ARG A 405 -2.33 -16.04 -8.41
CA ARG A 405 -2.56 -17.23 -7.59
CA ARG A 405 -2.56 -17.23 -7.59
C ARG A 405 -1.57 -17.30 -6.45
N VAL A 406 -0.36 -16.77 -6.66
CA VAL A 406 0.66 -16.74 -5.61
C VAL A 406 0.49 -15.52 -4.71
N THR A 407 0.29 -14.33 -5.29
CA THR A 407 0.32 -13.10 -4.51
C THR A 407 -1.01 -12.72 -3.86
N HIS A 408 -2.12 -13.15 -4.45
CA HIS A 408 -3.45 -12.83 -3.95
C HIS A 408 -4.15 -14.05 -3.38
N GLY A 409 -4.21 -15.14 -4.15
CA GLY A 409 -4.78 -16.38 -3.67
C GLY A 409 -6.30 -16.39 -3.67
N ARG A 410 -6.84 -17.57 -3.38
CA ARG A 410 -8.28 -17.76 -3.43
C ARG A 410 -9.03 -16.91 -2.40
N GLU A 411 -8.35 -16.51 -1.32
CA GLU A 411 -8.98 -15.72 -0.28
C GLU A 411 -9.17 -14.26 -0.67
N HIS A 412 -8.60 -13.82 -1.80
CA HIS A 412 -8.72 -12.45 -2.26
C HIS A 412 -9.76 -12.37 -3.36
N SER A 413 -10.71 -11.44 -3.22
CA SER A 413 -11.84 -11.38 -4.14
C SER A 413 -11.41 -11.06 -5.57
N LEU A 414 -10.28 -10.38 -5.77
CA LEU A 414 -9.87 -10.03 -7.11
C LEU A 414 -9.58 -11.27 -7.95
N ILE A 415 -9.14 -12.36 -7.31
CA ILE A 415 -8.90 -13.62 -8.04
C ILE A 415 -10.18 -14.13 -8.66
N GLU A 416 -11.32 -13.94 -7.99
CA GLU A 416 -12.62 -14.33 -8.55
C GLU A 416 -12.93 -13.52 -9.80
N ASP A 417 -12.67 -12.21 -9.76
CA ASP A 417 -12.88 -11.38 -10.95
C ASP A 417 -12.00 -11.84 -12.10
N LEU A 418 -10.76 -12.21 -11.80
CA LEU A 418 -9.84 -12.68 -12.83
C LEU A 418 -10.31 -14.00 -13.43
N ILE A 419 -10.79 -14.91 -12.58
CA ILE A 419 -11.31 -16.19 -13.07
C ILE A 419 -12.46 -15.95 -14.04
N LEU A 420 -13.32 -14.98 -13.74
CA LEU A 420 -14.41 -14.65 -14.66
C LEU A 420 -13.89 -14.15 -16.00
N LEU A 421 -12.85 -13.32 -15.98
CA LEU A 421 -12.27 -12.86 -17.23
C LEU A 421 -11.67 -14.01 -18.03
N LEU A 422 -10.99 -14.93 -17.34
CA LEU A 422 -10.40 -16.08 -18.03
C LEU A 422 -11.48 -16.94 -18.69
N GLU A 423 -12.58 -17.18 -17.97
CA GLU A 423 -13.65 -18.00 -18.52
C GLU A 423 -14.32 -17.31 -19.70
N GLU A 424 -14.51 -15.99 -19.62
CA GLU A 424 -15.09 -15.25 -20.74
C GLU A 424 -14.16 -15.30 -21.95
N CYS A 425 -12.88 -15.03 -21.74
CA CYS A 425 -11.92 -15.07 -22.83
C CYS A 425 -11.84 -16.46 -23.45
N ASP A 426 -11.82 -17.50 -22.60
CA ASP A 426 -11.76 -18.87 -23.11
C ASP A 426 -13.00 -19.22 -23.93
N ALA A 427 -14.18 -18.81 -23.48
CA ALA A 427 -15.40 -19.04 -24.23
C ALA A 427 -15.34 -18.36 -25.60
N ASN A 428 -14.73 -17.19 -25.67
CA ASN A 428 -14.61 -16.49 -26.95
C ASN A 428 -13.68 -17.25 -27.90
N ILE A 429 -12.55 -17.74 -27.38
CA ILE A 429 -11.64 -18.50 -28.22
C ILE A 429 -12.29 -19.79 -28.70
N ARG A 430 -13.15 -20.41 -27.87
CA ARG A 430 -13.80 -21.66 -28.26
C ARG A 430 -14.85 -21.44 -29.34
N ALA A 431 -15.47 -20.27 -29.39
CA ALA A 431 -16.43 -19.92 -30.44
C ALA A 431 -15.77 -19.38 -31.69
N SER A 432 -14.44 -19.30 -31.72
CA SER A 432 -13.74 -18.69 -32.84
C SER A 432 -13.37 -19.68 -33.93
#